data_5ZU5
#
_entry.id   5ZU5
#
_cell.length_a   65.272
_cell.length_b   78.421
_cell.length_c   112.303
_cell.angle_alpha   90.00
_cell.angle_beta   90.00
_cell.angle_gamma   90.00
#
_symmetry.space_group_name_H-M   'P 21 21 21'
#
loop_
_entity.id
_entity.type
_entity.pdbx_description
1 polymer 'alginate lyase'
2 non-polymer GLYCEROL
3 non-polymer 'SODIUM ION'
4 water water
#
_entity_poly.entity_id   1
_entity_poly.type   'polypeptide(L)'
_entity_poly.pdbx_seq_one_letter_code
;GPPDLGTDDDDKAMADIASDFPNNKETGEALLTPVDATASSHDGNGPDRLIDQDLTTRWSSAGDGEWAMLDYGSVQEFDA
VQASFSKGNERQSKFDIQVSVDGETWTTVLENQLSSGKAIGLERFQFEPAVKARYVRYVGHGNTKNGWNSVTGLAAVNCS
INACPASQIITSDVVAAEAVLIAEMKAAEKARKAARKDLRSGNFGVAAVYPCETSVKCDTRSALPVPTGLPATPVAGNAP
SENFDMTHWYLSQPFDHDKNGKPDDVSEWNLANGYQHPEIFYTADDGGLVFKSYVKGVRTSKNTKYARTELREMMRRGDQ
SISTKGVNKNNWVFSSAPEADLEAAAGIDGVLEATLKIDHATTTGNANEVGRFIIGQIHDQNDEPIRLYYRKLPNQPTGA
VYFAHESQDATKEDFYPLVGDMTAEVGEDGIALGEVFSYRIDVKGNTMTVTLMREGKDDVVQVVDMSNSGYDVGGKYMYF
KAGVYNQNISGDLDDYSQATFYQLDVSHDQYKK
;
_entity_poly.pdbx_strand_id   A
#
loop_
_chem_comp.id
_chem_comp.type
_chem_comp.name
_chem_comp.formula
GOL non-polymer GLYCEROL 'C3 H8 O3'
NA non-polymer 'SODIUM ION' 'Na 1'
#
# COMPACT_ATOMS: atom_id res chain seq x y z
N ASP A 20 19.93 -4.65 -42.21
CA ASP A 20 19.74 -3.63 -43.24
C ASP A 20 20.18 -2.24 -42.83
N PHE A 21 21.18 -2.10 -41.98
CA PHE A 21 21.51 -0.80 -41.44
C PHE A 21 22.99 -0.51 -41.27
N PRO A 22 23.68 -0.65 -42.39
CA PRO A 22 25.15 -0.60 -42.42
C PRO A 22 25.77 0.48 -41.51
N ASN A 23 25.06 1.59 -41.30
CA ASN A 23 25.68 2.74 -40.70
C ASN A 23 25.62 2.89 -39.18
N ASN A 24 25.12 1.88 -38.47
CA ASN A 24 25.01 2.03 -37.01
C ASN A 24 26.38 2.10 -36.32
N LYS A 25 26.44 2.82 -35.19
CA LYS A 25 27.70 3.09 -34.45
C LYS A 25 27.65 2.32 -33.12
N GLU A 26 28.81 1.85 -32.66
CA GLU A 26 28.87 1.23 -31.35
C GLU A 26 28.67 2.16 -30.14
N THR A 27 28.99 3.44 -30.32
N THR A 27 29.02 3.43 -30.27
CA THR A 27 28.92 4.41 -29.25
CA THR A 27 28.84 4.40 -29.21
C THR A 27 28.41 5.74 -29.85
C THR A 27 28.18 5.63 -29.83
N GLY A 28 27.88 6.60 -29.00
CA GLY A 28 27.47 7.92 -29.48
C GLY A 28 26.91 8.70 -28.34
N GLU A 29 26.05 9.67 -28.65
CA GLU A 29 25.50 10.46 -27.57
C GLU A 29 24.49 9.76 -26.65
N ALA A 30 24.51 10.11 -25.37
CA ALA A 30 23.51 9.61 -24.45
C ALA A 30 22.05 9.85 -24.96
N LEU A 31 21.23 8.85 -24.71
CA LEU A 31 19.83 8.96 -25.07
C LEU A 31 19.18 10.06 -24.25
N LEU A 32 18.11 10.66 -24.77
CA LEU A 32 17.37 11.65 -24.05
C LEU A 32 16.56 11.02 -22.91
N THR A 33 16.44 11.74 -21.81
CA THR A 33 15.52 11.42 -20.75
C THR A 33 14.12 11.92 -21.09
N PRO A 34 13.17 10.99 -21.30
CA PRO A 34 11.84 11.52 -21.43
C PRO A 34 11.44 12.34 -20.21
N VAL A 35 10.61 13.34 -20.45
CA VAL A 35 10.07 14.17 -19.40
C VAL A 35 8.85 13.49 -18.76
N ASP A 36 8.29 12.51 -19.45
CA ASP A 36 7.14 11.84 -18.88
C ASP A 36 6.98 10.49 -19.60
N ALA A 37 6.48 9.54 -18.84
CA ALA A 37 6.11 8.25 -19.41
C ALA A 37 4.73 7.97 -18.89
N THR A 38 3.78 7.70 -19.78
CA THR A 38 2.42 7.49 -19.39
C THR A 38 1.91 6.22 -20.09
N ALA A 39 0.71 5.81 -19.76
CA ALA A 39 0.12 4.62 -20.33
C ALA A 39 -1.39 4.66 -20.32
N SER A 40 -1.98 3.94 -21.26
CA SER A 40 -3.41 3.78 -21.31
C SER A 40 -3.94 3.06 -20.05
N SER A 41 -3.17 2.10 -19.55
CA SER A 41 -3.53 1.31 -18.37
C SER A 41 -2.31 0.53 -17.91
N HIS A 42 -2.35 0.04 -16.66
CA HIS A 42 -1.35 -0.92 -16.18
C HIS A 42 -1.94 -1.60 -14.95
N ASP A 43 -1.26 -2.64 -14.49
CA ASP A 43 -1.71 -3.46 -13.34
C ASP A 43 -1.04 -3.05 -12.01
N GLY A 44 -0.47 -1.86 -11.94
CA GLY A 44 0.31 -1.46 -10.78
C GLY A 44 1.72 -1.17 -11.21
N ASN A 45 2.17 -2.00 -12.16
CA ASN A 45 3.48 -1.91 -12.69
C ASN A 45 3.48 -0.86 -13.83
N GLY A 46 3.84 0.38 -13.47
CA GLY A 46 3.53 1.54 -14.34
C GLY A 46 4.60 1.82 -15.36
N PRO A 47 4.32 2.79 -16.23
CA PRO A 47 5.23 3.13 -17.30
C PRO A 47 6.51 3.80 -16.89
N ASP A 48 6.63 4.32 -15.63
CA ASP A 48 7.92 4.79 -15.18
C ASP A 48 8.98 3.69 -15.25
N ARG A 49 8.51 2.43 -15.19
CA ARG A 49 9.43 1.30 -15.13
C ARG A 49 9.99 0.94 -16.51
N LEU A 50 9.58 1.68 -17.54
CA LEU A 50 10.18 1.56 -18.84
C LEU A 50 11.44 2.35 -19.03
N ILE A 51 11.66 3.32 -18.14
CA ILE A 51 12.75 4.25 -18.38
C ILE A 51 13.70 4.31 -17.18
N ASP A 52 13.71 3.26 -16.37
CA ASP A 52 14.58 3.23 -15.18
C ASP A 52 15.86 2.43 -15.33
N GLN A 53 16.20 2.02 -16.56
CA GLN A 53 17.42 1.27 -16.89
C GLN A 53 17.57 0.10 -15.92
N ASP A 54 16.48 -0.66 -15.78
CA ASP A 54 16.38 -1.76 -14.79
C ASP A 54 15.57 -2.92 -15.42
N LEU A 55 16.25 -4.03 -15.68
CA LEU A 55 15.55 -5.21 -16.17
C LEU A 55 14.63 -5.90 -15.18
N THR A 56 14.76 -5.58 -13.89
CA THR A 56 13.91 -6.21 -12.92
C THR A 56 12.63 -5.48 -12.65
N THR A 57 12.34 -4.40 -13.38
CA THR A 57 11.06 -3.75 -13.23
C THR A 57 10.38 -3.62 -14.60
N ARG A 58 9.06 -3.55 -14.64
CA ARG A 58 8.34 -3.60 -15.92
C ARG A 58 7.11 -2.72 -15.89
N TRP A 59 6.68 -2.31 -17.07
CA TRP A 59 5.34 -1.84 -17.28
C TRP A 59 4.55 -3.06 -17.73
N SER A 60 3.41 -3.33 -17.10
CA SER A 60 2.55 -4.44 -17.50
C SER A 60 1.12 -3.99 -17.67
N SER A 61 0.52 -4.40 -18.76
CA SER A 61 -0.83 -4.03 -19.11
C SER A 61 -1.47 -5.13 -19.95
N ALA A 62 -2.71 -5.50 -19.67
CA ALA A 62 -3.40 -6.57 -20.38
C ALA A 62 -4.34 -6.02 -21.43
N GLY A 63 -4.37 -6.60 -22.62
CA GLY A 63 -5.32 -6.17 -23.63
C GLY A 63 -4.66 -5.63 -24.87
N ASP A 64 -5.25 -5.95 -26.02
CA ASP A 64 -4.77 -5.45 -27.29
C ASP A 64 -5.06 -3.98 -27.40
N GLY A 65 -4.08 -3.24 -27.94
CA GLY A 65 -4.22 -1.84 -28.15
C GLY A 65 -3.84 -0.96 -26.97
N GLU A 66 -3.52 -1.55 -25.83
CA GLU A 66 -3.03 -0.75 -24.70
C GLU A 66 -1.64 -0.19 -25.07
N TRP A 67 -1.31 0.96 -24.57
CA TRP A 67 -0.11 1.66 -25.00
C TRP A 67 0.64 2.23 -23.83
N ALA A 68 1.94 2.43 -24.07
CA ALA A 68 2.81 3.19 -23.21
C ALA A 68 3.49 4.27 -24.06
N MET A 69 3.59 5.48 -23.53
CA MET A 69 4.04 6.62 -24.34
C MET A 69 5.15 7.38 -23.65
N LEU A 70 6.23 7.66 -24.39
CA LEU A 70 7.30 8.53 -23.94
C LEU A 70 7.14 9.92 -24.54
N ASP A 71 7.20 10.92 -23.67
CA ASP A 71 7.21 12.33 -24.06
C ASP A 71 8.62 12.83 -23.90
N TYR A 72 9.25 13.19 -25.03
CA TYR A 72 10.59 13.76 -25.03
C TYR A 72 10.62 15.28 -24.81
N GLY A 73 9.43 15.88 -24.68
CA GLY A 73 9.31 17.31 -24.28
C GLY A 73 9.39 18.31 -25.40
N SER A 74 10.02 17.90 -26.48
CA SER A 74 10.14 18.71 -27.69
C SER A 74 10.36 17.77 -28.86
N VAL A 75 10.24 18.32 -30.06
CA VAL A 75 10.38 17.53 -31.30
C VAL A 75 11.82 17.16 -31.61
N GLN A 76 12.06 15.85 -31.77
CA GLN A 76 13.36 15.27 -32.14
C GLN A 76 13.24 14.39 -33.38
N GLU A 77 14.37 13.98 -33.93
CA GLU A 77 14.38 13.03 -35.01
C GLU A 77 14.73 11.64 -34.49
N PHE A 78 13.91 10.63 -34.83
CA PHE A 78 14.16 9.25 -34.44
C PHE A 78 14.02 8.31 -35.59
N ASP A 79 14.75 7.19 -35.56
CA ASP A 79 14.67 6.14 -36.56
C ASP A 79 14.63 4.67 -36.04
N ALA A 80 14.46 4.56 -34.75
CA ALA A 80 14.38 3.23 -34.12
C ALA A 80 13.88 3.34 -32.74
N VAL A 81 13.49 2.17 -32.18
CA VAL A 81 13.37 2.08 -30.73
C VAL A 81 14.21 0.88 -30.24
N GLN A 82 14.59 0.94 -28.98
CA GLN A 82 15.20 -0.24 -28.34
C GLN A 82 14.24 -0.59 -27.20
N ALA A 83 14.03 -1.89 -27.05
CA ALA A 83 13.08 -2.37 -26.03
C ALA A 83 13.55 -3.67 -25.45
N SER A 84 13.35 -3.84 -24.14
CA SER A 84 13.66 -5.12 -23.46
C SER A 84 12.31 -5.67 -22.91
N PHE A 85 12.16 -7.00 -22.96
CA PHE A 85 10.83 -7.59 -22.73
C PHE A 85 10.79 -8.46 -21.48
N SER A 86 9.76 -8.29 -20.64
CA SER A 86 9.63 -9.23 -19.50
C SER A 86 9.49 -10.65 -20.03
N LYS A 87 10.20 -11.61 -19.40
CA LYS A 87 10.15 -13.01 -19.86
C LYS A 87 10.50 -13.12 -21.34
N GLY A 88 11.36 -12.22 -21.78
CA GLY A 88 11.62 -12.10 -23.23
C GLY A 88 12.32 -13.30 -23.87
N ASN A 89 12.90 -14.21 -23.06
CA ASN A 89 13.49 -15.45 -23.56
C ASN A 89 12.49 -16.62 -23.57
N GLU A 90 11.22 -16.34 -23.31
CA GLU A 90 10.16 -17.39 -23.22
C GLU A 90 9.03 -17.22 -24.18
N ARG A 91 8.84 -16.01 -24.70
CA ARG A 91 7.72 -15.78 -25.62
C ARG A 91 8.07 -14.50 -26.40
N GLN A 92 7.37 -14.27 -27.51
CA GLN A 92 7.60 -13.08 -28.30
C GLN A 92 6.46 -12.07 -28.10
N SER A 93 6.85 -10.84 -27.81
CA SER A 93 5.86 -9.77 -27.65
C SER A 93 5.47 -9.20 -29.02
N LYS A 94 4.18 -8.83 -29.18
CA LYS A 94 3.63 -8.30 -30.45
C LYS A 94 3.28 -6.83 -30.26
N PHE A 95 3.70 -5.96 -31.17
CA PHE A 95 3.46 -4.53 -30.97
C PHE A 95 3.64 -3.70 -32.21
N ASP A 96 3.09 -2.49 -32.14
CA ASP A 96 3.41 -1.43 -33.13
C ASP A 96 4.06 -0.29 -32.40
N ILE A 97 4.78 0.56 -33.17
CA ILE A 97 5.32 1.79 -32.60
C ILE A 97 4.71 2.94 -33.40
N GLN A 98 4.18 3.92 -32.68
CA GLN A 98 3.59 5.15 -33.31
C GLN A 98 4.30 6.38 -32.80
N VAL A 99 4.30 7.46 -33.59
CA VAL A 99 4.90 8.73 -33.17
C VAL A 99 3.93 9.88 -33.40
N SER A 100 4.20 10.98 -32.73
CA SER A 100 3.37 12.18 -32.91
C SER A 100 4.20 13.40 -32.63
N VAL A 101 3.94 14.48 -33.35
CA VAL A 101 4.53 15.78 -33.04
C VAL A 101 3.62 16.52 -32.06
N ASP A 102 2.29 16.48 -32.29
CA ASP A 102 1.32 17.23 -31.47
C ASP A 102 0.72 16.47 -30.31
N GLY A 103 0.93 15.17 -30.23
CA GLY A 103 0.41 14.40 -29.10
C GLY A 103 -1.02 13.94 -29.29
N GLU A 104 -1.65 14.40 -30.36
CA GLU A 104 -3.04 14.05 -30.57
C GLU A 104 -3.29 13.08 -31.74
N THR A 105 -2.53 13.23 -32.81
CA THR A 105 -2.68 12.31 -33.90
C THR A 105 -1.40 11.46 -34.10
N TRP A 106 -1.56 10.20 -34.46
CA TRP A 106 -0.45 9.23 -34.37
C TRP A 106 -0.14 8.57 -35.69
N THR A 107 1.16 8.50 -36.02
CA THR A 107 1.61 7.86 -37.24
C THR A 107 2.35 6.58 -36.92
N THR A 108 1.96 5.51 -37.59
CA THR A 108 2.63 4.23 -37.37
C THR A 108 3.94 4.21 -38.14
N VAL A 109 5.02 3.92 -37.42
CA VAL A 109 6.40 3.81 -37.99
C VAL A 109 6.92 2.38 -38.07
N LEU A 110 6.40 1.52 -37.15
CA LEU A 110 6.73 0.10 -37.13
C LEU A 110 5.47 -0.65 -36.83
N GLU A 111 5.14 -1.62 -37.69
CA GLU A 111 3.88 -2.32 -37.59
C GLU A 111 4.13 -3.82 -37.48
N ASN A 112 3.32 -4.50 -36.66
CA ASN A 112 3.36 -5.98 -36.55
CA ASN A 112 3.35 -5.96 -36.53
C ASN A 112 4.77 -6.42 -36.24
N GLN A 113 5.35 -5.79 -35.21
CA GLN A 113 6.67 -6.19 -34.75
C GLN A 113 6.55 -7.38 -33.80
N LEU A 114 7.62 -8.14 -33.78
CA LEU A 114 7.67 -9.34 -32.91
C LEU A 114 9.03 -9.38 -32.26
N SER A 115 9.07 -9.40 -30.95
CA SER A 115 10.33 -9.50 -30.24
C SER A 115 10.97 -10.88 -30.48
N SER A 116 12.25 -11.00 -30.11
CA SER A 116 13.02 -12.19 -30.50
C SER A 116 12.51 -13.51 -29.89
N GLY A 117 12.01 -13.40 -28.66
CA GLY A 117 11.60 -14.57 -27.90
C GLY A 117 12.83 -15.25 -27.28
N LYS A 118 14.00 -14.64 -27.45
CA LYS A 118 15.24 -15.35 -27.05
C LYS A 118 16.10 -14.61 -26.06
N ALA A 119 15.64 -13.46 -25.59
CA ALA A 119 16.51 -12.58 -24.79
C ALA A 119 15.72 -11.66 -23.91
N ILE A 120 16.30 -11.36 -22.74
CA ILE A 120 15.75 -10.38 -21.80
C ILE A 120 16.31 -8.98 -21.95
N GLY A 121 17.39 -8.86 -22.73
CA GLY A 121 18.08 -7.56 -22.89
C GLY A 121 17.42 -6.71 -23.96
N LEU A 122 18.05 -5.56 -24.20
CA LEU A 122 17.53 -4.64 -25.22
C LEU A 122 17.64 -5.16 -26.64
N GLU A 123 16.56 -4.98 -27.41
CA GLU A 123 16.55 -5.39 -28.78
C GLU A 123 16.06 -4.17 -29.58
N ARG A 124 16.68 -3.97 -30.75
CA ARG A 124 16.39 -2.74 -31.57
C ARG A 124 15.41 -3.10 -32.67
N PHE A 125 14.52 -2.13 -32.92
CA PHE A 125 13.54 -2.21 -33.99
C PHE A 125 13.67 -0.90 -34.73
N GLN A 126 14.11 -0.99 -35.99
CA GLN A 126 14.66 0.21 -36.70
C GLN A 126 13.91 0.38 -38.02
N PHE A 127 13.79 1.63 -38.47
CA PHE A 127 13.06 1.88 -39.71
C PHE A 127 13.82 3.02 -40.42
N GLU A 128 13.39 3.30 -41.66
CA GLU A 128 13.88 4.41 -42.46
C GLU A 128 12.76 4.89 -43.38
N PRO A 129 12.72 6.21 -43.65
CA PRO A 129 13.57 7.27 -43.15
C PRO A 129 13.25 7.64 -41.71
N ALA A 130 14.14 8.38 -41.08
CA ALA A 130 13.87 8.95 -39.78
C ALA A 130 12.65 9.84 -39.82
N VAL A 131 11.97 9.97 -38.68
CA VAL A 131 10.80 10.83 -38.56
C VAL A 131 10.95 11.85 -37.46
N LYS A 132 10.24 12.98 -37.56
CA LYS A 132 10.21 13.91 -36.47
C LYS A 132 9.11 13.51 -35.47
N ALA A 133 9.40 13.60 -34.18
CA ALA A 133 8.43 13.24 -33.16
C ALA A 133 8.79 13.86 -31.85
N ARG A 134 7.80 14.31 -31.09
CA ARG A 134 8.00 14.62 -29.68
C ARG A 134 7.62 13.42 -28.82
N TYR A 135 6.57 12.71 -29.25
CA TYR A 135 5.99 11.58 -28.47
C TYR A 135 6.19 10.26 -29.25
N VAL A 136 6.54 9.20 -28.51
CA VAL A 136 6.71 7.86 -29.08
C VAL A 136 5.97 6.88 -28.23
N ARG A 137 5.14 6.06 -28.88
CA ARG A 137 4.36 5.15 -28.07
C ARG A 137 4.46 3.71 -28.62
N TYR A 138 4.49 2.80 -27.65
CA TYR A 138 4.43 1.37 -27.88
C TYR A 138 2.97 0.95 -27.78
N VAL A 139 2.42 0.35 -28.85
CA VAL A 139 1.03 -0.14 -28.81
C VAL A 139 1.11 -1.67 -28.78
N GLY A 140 0.69 -2.28 -27.67
CA GLY A 140 0.86 -3.73 -27.46
C GLY A 140 -0.27 -4.54 -28.04
N HIS A 141 0.06 -5.69 -28.59
CA HIS A 141 -0.96 -6.68 -29.02
C HIS A 141 -0.69 -8.00 -28.31
N GLY A 142 -0.34 -7.91 -27.01
CA GLY A 142 -0.03 -9.12 -26.22
C GLY A 142 1.23 -9.83 -26.66
N ASN A 143 1.28 -11.14 -26.44
CA ASN A 143 2.48 -11.93 -26.75
C ASN A 143 2.05 -13.27 -27.33
N THR A 144 3.00 -14.15 -27.63
CA THR A 144 2.66 -15.40 -28.39
C THR A 144 2.03 -16.45 -27.49
N LYS A 145 1.99 -16.18 -26.19
CA LYS A 145 1.34 -17.04 -25.20
C LYS A 145 0.06 -16.51 -24.62
N ASN A 146 -0.01 -15.23 -24.32
CA ASN A 146 -1.19 -14.67 -23.71
C ASN A 146 -1.28 -13.16 -24.03
N GLY A 147 -2.22 -12.49 -23.38
CA GLY A 147 -2.54 -11.12 -23.69
C GLY A 147 -1.65 -10.05 -23.06
N TRP A 148 -0.67 -10.43 -22.22
CA TRP A 148 0.15 -9.42 -21.48
C TRP A 148 1.13 -8.60 -22.33
N ASN A 149 1.08 -7.30 -22.13
CA ASN A 149 2.11 -6.40 -22.65
C ASN A 149 3.00 -6.12 -21.47
N SER A 150 4.17 -6.72 -21.45
CA SER A 150 5.05 -6.57 -20.31
CA SER A 150 5.05 -6.60 -20.30
C SER A 150 6.46 -6.26 -20.76
N VAL A 151 6.89 -5.03 -20.48
CA VAL A 151 8.09 -4.47 -21.12
C VAL A 151 8.95 -3.85 -20.03
N THR A 152 10.22 -4.25 -19.99
CA THR A 152 11.12 -3.79 -18.90
C THR A 152 11.91 -2.54 -19.28
N GLY A 153 11.94 -2.16 -20.56
CA GLY A 153 12.75 -0.99 -21.00
C GLY A 153 12.29 -0.56 -22.40
N LEU A 154 12.20 0.76 -22.63
CA LEU A 154 11.85 1.27 -23.95
C LEU A 154 12.52 2.66 -24.09
N ALA A 155 13.12 2.91 -25.24
CA ALA A 155 13.66 4.22 -25.57
C ALA A 155 13.65 4.43 -27.06
N ALA A 156 13.39 5.68 -27.45
CA ALA A 156 13.52 6.03 -28.82
C ALA A 156 14.97 6.41 -29.13
N VAL A 157 15.38 6.08 -30.29
CA VAL A 157 16.83 6.16 -30.68
C VAL A 157 16.95 6.86 -32.00
N ASN A 158 18.03 7.64 -32.14
CA ASN A 158 18.39 8.15 -33.44
C ASN A 158 19.78 7.63 -33.70
N CYS A 159 19.86 6.74 -34.67
CA CYS A 159 21.07 5.97 -34.90
C CYS A 159 22.11 6.79 -35.63
N SER A 160 21.75 7.98 -36.05
CA SER A 160 22.73 8.89 -36.64
CA SER A 160 22.74 8.89 -36.65
C SER A 160 23.45 9.68 -35.55
N ILE A 161 22.96 9.62 -34.32
CA ILE A 161 23.63 10.36 -33.22
C ILE A 161 23.90 9.56 -31.97
N ASN A 162 23.05 8.53 -31.74
CA ASN A 162 23.19 7.65 -30.59
C ASN A 162 23.87 6.34 -30.93
N ALA A 163 24.36 5.68 -29.87
CA ALA A 163 24.74 4.27 -30.01
C ALA A 163 23.58 3.37 -30.51
N CYS A 164 23.81 2.62 -31.60
CA CYS A 164 22.96 1.48 -31.97
C CYS A 164 23.77 0.17 -32.12
N PRO A 165 24.10 -0.48 -30.97
CA PRO A 165 25.12 -1.57 -30.97
C PRO A 165 24.62 -2.85 -31.58
N ALA A 166 25.53 -3.65 -32.16
CA ALA A 166 25.18 -4.92 -32.80
C ALA A 166 24.55 -5.89 -31.76
N SER A 167 24.85 -5.64 -30.48
CA SER A 167 24.39 -6.48 -29.35
C SER A 167 22.87 -6.39 -29.16
N GLN A 168 22.23 -5.45 -29.83
CA GLN A 168 20.77 -5.34 -29.82
C GLN A 168 20.08 -6.02 -31.02
N ILE A 169 20.85 -6.74 -31.84
CA ILE A 169 20.23 -7.70 -32.72
C ILE A 169 20.53 -9.07 -32.14
N ILE A 170 19.46 -9.82 -31.86
CA ILE A 170 19.58 -10.96 -30.96
C ILE A 170 20.10 -12.19 -31.72
N THR A 171 21.42 -12.40 -31.61
CA THR A 171 22.08 -13.52 -32.27
C THR A 171 22.58 -14.47 -31.20
N SER A 172 23.22 -15.58 -31.58
CA SER A 172 23.65 -16.62 -30.61
CA SER A 172 23.62 -16.61 -30.59
C SER A 172 24.62 -16.10 -29.56
N ASP A 173 25.55 -15.24 -29.98
CA ASP A 173 26.46 -14.66 -29.02
C ASP A 173 25.81 -13.74 -27.99
N VAL A 174 24.76 -13.01 -28.40
CA VAL A 174 24.07 -12.16 -27.44
C VAL A 174 23.37 -13.07 -26.43
N VAL A 175 22.77 -14.14 -26.94
CA VAL A 175 22.01 -15.09 -26.06
C VAL A 175 23.02 -15.78 -25.13
N ALA A 176 24.19 -16.12 -25.66
CA ALA A 176 25.22 -16.70 -24.77
C ALA A 176 25.69 -15.75 -23.67
N ALA A 177 25.86 -14.45 -23.97
CA ALA A 177 26.25 -13.49 -22.94
C ALA A 177 25.16 -13.34 -21.89
N GLU A 178 23.91 -13.42 -22.34
CA GLU A 178 22.83 -13.27 -21.41
C GLU A 178 22.81 -14.41 -20.44
N ALA A 179 23.32 -15.59 -20.82
CA ALA A 179 23.22 -16.72 -19.84
C ALA A 179 24.00 -16.33 -18.61
N VAL A 180 25.07 -15.56 -18.83
CA VAL A 180 25.91 -15.13 -17.70
C VAL A 180 25.21 -14.07 -16.86
N LEU A 181 24.62 -13.08 -17.53
CA LEU A 181 23.78 -12.06 -16.89
C LEU A 181 22.63 -12.70 -16.11
N ILE A 182 21.93 -13.65 -16.70
CA ILE A 182 20.81 -14.26 -15.98
C ILE A 182 21.28 -15.00 -14.71
N ALA A 183 22.39 -15.73 -14.83
CA ALA A 183 22.95 -16.39 -13.62
C ALA A 183 23.28 -15.37 -12.51
N GLU A 184 23.88 -14.26 -12.91
CA GLU A 184 24.19 -13.16 -11.97
C GLU A 184 22.92 -12.67 -11.29
N MET A 185 21.87 -12.46 -12.10
CA MET A 185 20.62 -11.91 -11.57
C MET A 185 20.00 -12.93 -10.58
N LYS A 186 20.07 -14.21 -10.92
CA LYS A 186 19.53 -15.28 -10.04
C LYS A 186 20.27 -15.31 -8.70
N ALA A 187 21.59 -15.17 -8.75
CA ALA A 187 22.40 -15.16 -7.52
C ALA A 187 22.01 -13.94 -6.66
N ALA A 188 21.78 -12.80 -7.32
CA ALA A 188 21.44 -11.56 -6.56
C ALA A 188 20.06 -11.76 -5.92
N GLU A 189 19.16 -12.42 -6.65
CA GLU A 189 17.81 -12.68 -6.09
C GLU A 189 17.94 -13.54 -4.83
N LYS A 190 18.85 -14.53 -4.84
CA LYS A 190 18.89 -15.43 -3.69
C LYS A 190 19.51 -14.66 -2.55
N ALA A 191 20.43 -13.77 -2.88
CA ALA A 191 21.09 -12.97 -1.82
C ALA A 191 20.07 -12.02 -1.18
N ARG A 192 19.23 -11.41 -2.01
CA ARG A 192 18.18 -10.54 -1.47
C ARG A 192 17.24 -11.32 -0.54
N LYS A 193 16.86 -12.53 -0.93
CA LYS A 193 16.00 -13.37 -0.08
C LYS A 193 16.69 -13.68 1.27
N ALA A 194 17.98 -14.01 1.22
CA ALA A 194 18.74 -14.41 2.41
C ALA A 194 18.77 -13.25 3.41
N ALA A 195 18.81 -12.04 2.87
CA ALA A 195 18.83 -10.81 3.71
C ALA A 195 17.51 -10.56 4.46
N ARG A 196 16.44 -11.21 4.01
CA ARG A 196 15.09 -11.05 4.61
C ARG A 196 14.71 -12.11 5.64
N LYS A 197 15.65 -12.98 5.98
CA LYS A 197 15.33 -14.10 6.85
C LYS A 197 14.62 -13.73 8.15
N ASP A 198 14.89 -12.56 8.70
CA ASP A 198 14.21 -12.17 9.95
C ASP A 198 12.88 -11.44 9.81
N LEU A 199 12.31 -11.45 8.61
CA LEU A 199 11.02 -10.75 8.34
C LEU A 199 9.91 -10.91 9.42
N ARG A 200 9.66 -12.14 9.86
CA ARG A 200 8.44 -12.41 10.64
C ARG A 200 8.86 -12.58 12.10
N SER A 201 10.04 -12.07 12.41
CA SER A 201 10.55 -12.19 13.74
C SER A 201 10.28 -10.91 14.52
N GLY A 202 10.00 -11.04 15.81
CA GLY A 202 9.93 -9.83 16.65
C GLY A 202 11.18 -9.45 17.46
N ASN A 203 12.34 -9.93 17.04
CA ASN A 203 13.55 -9.66 17.86
C ASN A 203 14.23 -8.32 17.54
N PHE A 204 13.67 -7.21 18.02
CA PHE A 204 14.18 -5.87 17.83
C PHE A 204 13.42 -4.92 18.79
N GLY A 205 13.92 -3.68 18.94
CA GLY A 205 13.22 -2.62 19.72
C GLY A 205 13.74 -2.57 21.14
N VAL A 206 13.79 -1.39 21.70
CA VAL A 206 14.17 -1.28 23.12
C VAL A 206 13.02 -1.80 23.98
N ALA A 207 13.33 -2.07 25.24
CA ALA A 207 12.28 -2.48 26.15
C ALA A 207 11.86 -1.23 26.94
N ALA A 208 10.58 -0.87 26.88
CA ALA A 208 10.00 0.16 27.77
C ALA A 208 9.21 -0.42 28.96
N VAL A 209 9.07 0.39 30.01
CA VAL A 209 8.42 -0.12 31.21
C VAL A 209 6.91 -0.40 31.00
N TYR A 210 6.42 -1.50 31.58
CA TYR A 210 4.94 -1.69 31.69
C TYR A 210 4.53 -1.17 33.07
N PRO A 211 3.74 -0.09 33.14
CA PRO A 211 3.33 0.47 34.47
C PRO A 211 2.90 -0.56 35.48
N CYS A 212 2.12 -1.53 35.06
CA CYS A 212 1.51 -2.42 36.07
C CYS A 212 2.52 -3.33 36.69
N GLU A 213 3.71 -3.49 36.06
CA GLU A 213 4.77 -4.41 36.53
C GLU A 213 5.79 -3.62 37.31
N THR A 214 5.67 -2.31 37.35
CA THR A 214 6.75 -1.49 37.90
C THR A 214 6.24 -0.41 38.88
N SER A 215 5.31 0.45 38.46
CA SER A 215 5.02 1.65 39.24
C SER A 215 3.58 1.78 39.71
N VAL A 216 2.69 0.91 39.23
CA VAL A 216 1.25 1.09 39.50
C VAL A 216 0.73 -0.27 39.91
N LYS A 217 -0.13 -0.30 40.94
CA LYS A 217 -0.77 -1.54 41.31
C LYS A 217 -2.07 -1.53 40.54
N CYS A 218 -2.15 -2.33 39.49
CA CYS A 218 -3.31 -2.33 38.62
C CYS A 218 -4.35 -3.35 39.10
N ASP A 219 -5.59 -2.86 39.32
CA ASP A 219 -6.66 -3.72 39.80
C ASP A 219 -7.42 -4.35 38.65
N THR A 220 -6.88 -5.46 38.15
CA THR A 220 -7.43 -6.10 36.94
C THR A 220 -8.73 -6.87 37.21
N ARG A 221 -9.18 -6.87 38.47
CA ARG A 221 -10.55 -7.31 38.74
C ARG A 221 -11.57 -6.22 38.43
N SER A 222 -11.16 -4.99 38.19
CA SER A 222 -12.10 -3.87 38.12
C SER A 222 -11.90 -3.13 36.80
N ALA A 223 -13.00 -2.52 36.35
CA ALA A 223 -12.88 -1.50 35.28
C ALA A 223 -12.07 -0.32 35.74
N LEU A 224 -11.36 0.30 34.78
CA LEU A 224 -10.55 1.49 35.05
C LEU A 224 -11.47 2.75 35.29
N PRO A 225 -10.99 3.72 36.04
CA PRO A 225 -11.72 4.98 36.09
C PRO A 225 -11.87 5.61 34.70
N VAL A 226 -13.00 6.27 34.50
CA VAL A 226 -13.17 6.97 33.23
C VAL A 226 -12.31 8.22 33.30
N PRO A 227 -11.45 8.46 32.31
CA PRO A 227 -10.57 9.62 32.41
C PRO A 227 -11.36 10.91 32.10
N THR A 228 -11.41 11.81 33.08
CA THR A 228 -12.25 12.99 32.87
C THR A 228 -11.39 14.23 32.66
N GLY A 229 -10.09 14.10 32.85
CA GLY A 229 -9.22 15.29 32.71
C GLY A 229 -9.04 15.78 31.26
N LEU A 230 -9.08 14.84 30.32
CA LEU A 230 -8.48 15.03 28.98
C LEU A 230 -8.56 16.41 28.33
N PRO A 231 -7.43 16.87 27.76
CA PRO A 231 -7.38 18.19 27.13
C PRO A 231 -8.11 18.11 25.78
N ALA A 232 -8.63 19.25 25.31
CA ALA A 232 -9.47 19.20 24.14
C ALA A 232 -8.66 18.93 22.86
N THR A 233 -7.37 19.28 22.92
CA THR A 233 -6.39 18.88 21.96
C THR A 233 -5.14 18.38 22.69
N PRO A 234 -4.43 17.41 22.09
CA PRO A 234 -3.31 16.82 22.82
C PRO A 234 -2.20 17.79 23.13
N VAL A 235 -1.57 17.60 24.27
CA VAL A 235 -0.52 18.44 24.81
C VAL A 235 0.82 17.71 24.82
N ALA A 236 1.88 18.42 24.43
CA ALA A 236 3.23 17.92 24.55
C ALA A 236 3.56 17.54 25.98
N GLY A 237 4.35 16.49 26.18
CA GLY A 237 4.75 16.10 27.54
C GLY A 237 3.73 15.22 28.28
N ASN A 238 2.50 15.12 27.75
CA ASN A 238 1.50 14.17 28.32
C ASN A 238 1.76 12.77 27.75
N ALA A 239 1.56 11.75 28.61
CA ALA A 239 1.49 10.38 28.10
C ALA A 239 0.27 10.22 27.24
N PRO A 240 0.27 9.17 26.35
CA PRO A 240 -0.90 8.97 25.50
C PRO A 240 -2.21 8.93 26.30
N SER A 241 -2.18 8.24 27.42
CA SER A 241 -3.36 8.16 28.30
C SER A 241 -3.80 9.45 28.98
N GLU A 242 -2.93 10.47 28.97
CA GLU A 242 -3.31 11.81 29.44
C GLU A 242 -3.82 12.67 28.33
N ASN A 243 -3.60 12.28 27.07
CA ASN A 243 -4.18 13.02 25.96
C ASN A 243 -5.42 12.36 25.35
N PHE A 244 -5.59 11.05 25.63
CA PHE A 244 -6.61 10.26 24.92
C PHE A 244 -7.16 9.28 25.90
N ASP A 245 -8.39 8.84 25.65
CA ASP A 245 -8.93 7.76 26.50
C ASP A 245 -8.31 6.46 26.03
N MET A 246 -7.41 5.90 26.84
CA MET A 246 -6.77 4.65 26.53
C MET A 246 -7.39 3.49 27.31
N THR A 247 -8.46 3.77 28.09
CA THR A 247 -8.98 2.73 28.94
C THR A 247 -9.75 1.64 28.19
N HIS A 248 -10.10 1.92 26.96
CA HIS A 248 -10.89 1.03 26.13
C HIS A 248 -10.13 0.51 24.91
N TRP A 249 -8.83 0.30 25.07
CA TRP A 249 -8.01 -0.28 23.97
C TRP A 249 -6.98 -1.19 24.60
N TYR A 250 -6.52 -2.17 23.84
CA TYR A 250 -5.18 -2.74 24.11
C TYR A 250 -4.33 -2.48 22.85
N LEU A 251 -3.02 -2.44 23.04
CA LEU A 251 -2.11 -2.19 21.86
C LEU A 251 -1.36 -3.46 21.48
N SER A 252 -1.39 -3.81 20.20
CA SER A 252 -0.54 -4.91 19.68
C SER A 252 0.74 -4.32 19.12
N GLN A 253 1.89 -4.73 19.66
CA GLN A 253 3.22 -4.25 19.20
C GLN A 253 3.95 -5.37 18.45
N PRO A 254 4.65 -5.03 17.36
CA PRO A 254 5.20 -6.02 16.39
C PRO A 254 6.52 -6.61 16.84
N PHE A 255 6.88 -6.40 18.08
CA PHE A 255 8.10 -7.09 18.60
C PHE A 255 7.71 -8.17 19.63
N ASP A 256 8.64 -9.05 19.98
CA ASP A 256 8.28 -10.24 20.74
C ASP A 256 9.36 -10.39 21.82
N HIS A 257 9.28 -9.57 22.86
CA HIS A 257 10.39 -9.60 23.84
C HIS A 257 10.28 -10.71 24.86
N ASP A 258 9.11 -11.30 24.97
CA ASP A 258 8.96 -12.48 25.86
C ASP A 258 9.12 -13.82 25.13
N LYS A 259 9.48 -13.74 23.85
CA LYS A 259 9.84 -14.93 23.09
C LYS A 259 8.74 -15.98 23.02
N ASN A 260 7.52 -15.58 22.76
CA ASN A 260 6.40 -16.50 22.65
C ASN A 260 5.81 -16.66 21.23
N GLY A 261 6.44 -15.97 20.28
CA GLY A 261 6.09 -16.06 18.89
C GLY A 261 4.89 -15.22 18.54
N LYS A 262 4.47 -14.35 19.46
CA LYS A 262 3.34 -13.48 19.19
C LYS A 262 3.71 -12.02 19.55
N PRO A 263 2.97 -11.05 18.97
CA PRO A 263 3.16 -9.66 19.34
C PRO A 263 3.12 -9.46 20.86
N ASP A 264 3.74 -8.39 21.35
CA ASP A 264 3.66 -8.08 22.74
C ASP A 264 2.51 -7.09 22.92
N ASP A 265 1.51 -7.54 23.65
CA ASP A 265 0.28 -6.74 23.78
C ASP A 265 0.35 -5.90 25.07
N VAL A 266 -0.23 -4.71 25.03
CA VAL A 266 -0.20 -3.79 26.18
C VAL A 266 -1.65 -3.66 26.61
N SER A 267 -1.99 -4.23 27.77
CA SER A 267 -3.38 -4.26 28.27
C SER A 267 -3.93 -2.87 28.54
N GLU A 268 -5.27 -2.77 28.69
CA GLU A 268 -5.89 -1.52 29.04
C GLU A 268 -5.28 -0.93 30.32
N TRP A 269 -5.09 -1.76 31.36
CA TRP A 269 -4.53 -1.21 32.61
C TRP A 269 -3.13 -0.61 32.39
N ASN A 270 -2.29 -1.22 31.54
CA ASN A 270 -1.01 -0.60 31.26
C ASN A 270 -1.11 0.62 30.36
N LEU A 271 -1.94 0.58 29.31
CA LEU A 271 -2.07 1.71 28.44
C LEU A 271 -2.62 2.93 29.17
N ALA A 272 -3.65 2.68 29.99
CA ALA A 272 -4.30 3.77 30.71
C ALA A 272 -3.47 4.36 31.83
N ASN A 273 -2.34 3.73 32.13
CA ASN A 273 -1.44 4.22 33.15
C ASN A 273 -0.10 4.70 32.56
N GLY A 274 -0.18 5.20 31.32
CA GLY A 274 0.91 6.01 30.73
C GLY A 274 1.93 5.26 29.89
N TYR A 275 1.62 4.01 29.52
CA TYR A 275 2.55 3.26 28.66
C TYR A 275 2.93 4.09 27.42
N GLN A 276 4.23 4.09 27.12
CA GLN A 276 4.71 4.62 25.80
C GLN A 276 5.91 3.78 25.39
N HIS A 277 6.13 3.62 24.07
CA HIS A 277 7.31 2.99 23.58
C HIS A 277 7.95 4.02 22.64
N PRO A 278 9.18 4.46 22.94
CA PRO A 278 9.75 5.60 22.23
C PRO A 278 10.00 5.40 20.71
N GLU A 279 9.94 4.17 20.20
CA GLU A 279 10.21 3.93 18.79
C GLU A 279 8.88 3.83 18.07
N ILE A 280 7.82 3.29 18.72
CA ILE A 280 6.66 2.93 17.96
C ILE A 280 5.29 3.45 18.44
N PHE A 281 5.22 3.96 19.65
CA PHE A 281 3.92 4.40 20.22
C PHE A 281 4.17 5.42 21.31
N TYR A 282 4.18 6.68 20.88
CA TYR A 282 4.62 7.70 21.83
C TYR A 282 4.03 9.04 21.53
N THR A 283 4.10 9.91 22.54
CA THR A 283 3.63 11.29 22.34
C THR A 283 4.73 12.16 21.64
N ALA A 284 4.35 12.71 20.49
CA ALA A 284 5.23 13.60 19.71
C ALA A 284 5.53 14.91 20.43
N ASP A 285 6.49 15.63 19.87
CA ASP A 285 6.85 16.93 20.45
CA ASP A 285 6.83 16.90 20.52
C ASP A 285 5.69 17.93 20.47
N ASP A 286 4.67 17.69 19.65
CA ASP A 286 3.51 18.55 19.59
C ASP A 286 2.27 17.98 20.27
N GLY A 287 2.43 16.83 20.95
CA GLY A 287 1.34 16.18 21.67
C GLY A 287 0.73 15.01 20.90
N GLY A 288 0.87 15.00 19.60
CA GLY A 288 0.20 13.93 18.80
C GLY A 288 0.67 12.50 19.20
N LEU A 289 -0.17 11.50 18.96
CA LEU A 289 0.18 10.11 19.29
C LEU A 289 0.71 9.42 18.05
N VAL A 290 1.97 9.06 18.13
CA VAL A 290 2.65 8.50 16.96
C VAL A 290 2.59 6.98 16.97
N PHE A 291 2.18 6.40 15.83
CA PHE A 291 2.21 4.92 15.64
C PHE A 291 3.16 4.68 14.49
N LYS A 292 4.17 3.86 14.72
CA LYS A 292 5.14 3.50 13.62
C LYS A 292 5.06 1.99 13.40
N SER A 293 4.93 1.58 12.13
CA SER A 293 4.82 0.19 11.74
C SER A 293 5.89 -0.13 10.70
N TYR A 294 6.89 -0.91 11.09
CA TYR A 294 7.88 -1.42 10.07
C TYR A 294 7.24 -2.51 9.23
N VAL A 295 7.92 -2.85 8.11
CA VAL A 295 7.56 -4.03 7.33
C VAL A 295 7.87 -5.28 8.20
N LYS A 296 9.03 -5.29 8.88
CA LYS A 296 9.38 -6.41 9.76
C LYS A 296 8.52 -6.45 11.02
N GLY A 297 8.39 -7.65 11.55
CA GLY A 297 7.79 -7.78 12.89
C GLY A 297 7.17 -9.12 13.08
N VAL A 298 6.91 -9.50 14.33
CA VAL A 298 6.06 -10.67 14.58
C VAL A 298 4.63 -10.34 14.22
N ARG A 299 3.94 -11.27 13.56
CA ARG A 299 2.55 -11.04 13.15
C ARG A 299 1.56 -11.65 14.14
N THR A 300 0.31 -11.21 14.09
CA THR A 300 -0.71 -11.68 15.05
C THR A 300 -1.13 -13.14 14.85
N SER A 301 -0.92 -13.68 13.66
CA SER A 301 -1.25 -15.07 13.43
C SER A 301 -0.62 -15.48 12.13
N LYS A 302 -0.61 -16.80 11.93
N LYS A 302 -0.59 -16.77 11.89
CA LYS A 302 -0.15 -17.47 10.71
CA LYS A 302 0.04 -17.28 10.69
C LYS A 302 -0.79 -16.90 9.46
C LYS A 302 -0.82 -17.02 9.42
N ASN A 303 -2.06 -16.54 9.55
CA ASN A 303 -2.87 -16.14 8.37
C ASN A 303 -2.85 -14.66 8.01
N THR A 304 -2.06 -13.91 8.77
CA THR A 304 -1.84 -12.52 8.59
C THR A 304 -0.50 -12.39 7.86
N LYS A 305 -0.40 -11.63 6.77
CA LYS A 305 0.86 -11.38 6.06
CA LYS A 305 0.86 -11.40 6.06
C LYS A 305 1.64 -10.22 6.66
N TYR A 306 0.94 -9.35 7.40
CA TYR A 306 1.56 -8.02 7.71
C TYR A 306 1.68 -7.73 9.25
N ALA A 307 2.67 -6.92 9.56
CA ALA A 307 2.85 -6.38 10.89
C ALA A 307 1.92 -5.25 11.16
N ARG A 308 1.63 -5.08 12.48
CA ARG A 308 0.80 -3.94 12.90
C ARG A 308 1.32 -3.31 14.18
N THR A 309 1.03 -2.02 14.27
CA THR A 309 1.12 -1.29 15.57
C THR A 309 -0.23 -0.66 15.74
N GLU A 310 -1.13 -1.37 16.43
CA GLU A 310 -2.60 -1.08 16.27
C GLU A 310 -3.34 -1.40 17.56
N LEU A 311 -4.33 -0.59 17.81
CA LEU A 311 -5.21 -0.73 19.00
C LEU A 311 -6.41 -1.55 18.64
N ARG A 312 -6.90 -2.31 19.61
CA ARG A 312 -8.07 -3.21 19.49
C ARG A 312 -9.02 -2.78 20.62
N GLU A 313 -10.26 -2.47 20.26
CA GLU A 313 -11.19 -1.92 21.25
C GLU A 313 -11.52 -2.96 22.32
N MET A 314 -11.54 -2.50 23.56
CA MET A 314 -11.88 -3.37 24.72
C MET A 314 -12.92 -2.68 25.62
N MET A 315 -14.22 -2.97 25.37
CA MET A 315 -15.26 -2.29 26.13
C MET A 315 -15.32 -2.81 27.59
N ARG A 316 -14.56 -3.86 27.94
CA ARG A 316 -14.48 -4.25 29.38
C ARG A 316 -13.67 -3.21 30.17
N ARG A 317 -12.87 -2.40 29.47
CA ARG A 317 -12.19 -1.25 30.09
C ARG A 317 -11.32 -1.69 31.28
N GLY A 318 -10.59 -2.77 31.12
CA GLY A 318 -9.65 -3.20 32.17
C GLY A 318 -10.20 -4.25 33.14
N ASP A 319 -11.50 -4.57 33.03
CA ASP A 319 -12.03 -5.61 33.96
C ASP A 319 -11.69 -6.91 33.27
N GLN A 320 -10.56 -7.54 33.61
CA GLN A 320 -10.09 -8.73 32.96
C GLN A 320 -10.84 -10.04 33.30
N SER A 321 -11.88 -9.90 34.11
CA SER A 321 -12.79 -11.04 34.33
C SER A 321 -13.66 -11.27 33.11
N ILE A 322 -13.73 -10.26 32.23
CA ILE A 322 -14.55 -10.32 31.02
C ILE A 322 -13.69 -10.78 29.85
N SER A 323 -14.12 -11.80 29.08
CA SER A 323 -13.32 -12.36 27.98
C SER A 323 -13.15 -11.37 26.85
N THR A 324 -12.02 -11.43 26.19
CA THR A 324 -11.79 -10.53 25.03
C THR A 324 -12.76 -10.80 23.88
N LYS A 325 -13.06 -12.07 23.67
CA LYS A 325 -13.93 -12.47 22.54
C LYS A 325 -15.32 -12.84 23.00
N GLY A 326 -16.31 -12.44 22.20
CA GLY A 326 -17.68 -12.90 22.37
C GLY A 326 -18.69 -11.77 22.35
N VAL A 327 -19.97 -12.12 22.12
CA VAL A 327 -21.06 -11.17 22.33
C VAL A 327 -21.25 -11.08 23.84
N ASN A 328 -20.46 -10.19 24.43
CA ASN A 328 -20.33 -10.04 25.89
C ASN A 328 -20.00 -8.57 26.26
N LYS A 329 -19.59 -8.33 27.52
CA LYS A 329 -19.39 -6.99 27.98
C LYS A 329 -18.03 -6.38 27.59
N ASN A 330 -17.36 -7.00 26.63
CA ASN A 330 -16.16 -6.40 26.02
C ASN A 330 -16.37 -5.91 24.58
N ASN A 331 -17.55 -6.23 23.94
CA ASN A 331 -17.71 -5.98 22.51
C ASN A 331 -19.10 -5.42 22.22
N TRP A 332 -19.27 -4.83 21.06
CA TRP A 332 -20.58 -4.25 20.71
C TRP A 332 -21.17 -5.08 19.59
N VAL A 333 -22.41 -4.78 19.26
CA VAL A 333 -23.04 -5.40 18.09
C VAL A 333 -23.79 -4.30 17.33
N PHE A 334 -24.19 -4.60 16.08
CA PHE A 334 -25.04 -3.65 15.32
C PHE A 334 -26.49 -3.70 15.88
N SER A 335 -27.21 -2.56 15.79
CA SER A 335 -28.55 -2.53 16.43
C SER A 335 -29.53 -3.37 15.61
N SER A 336 -29.09 -3.85 14.46
CA SER A 336 -29.87 -4.74 13.57
C SER A 336 -29.77 -6.21 14.06
N ALA A 337 -28.96 -6.48 15.10
CA ALA A 337 -28.75 -7.86 15.58
C ALA A 337 -29.96 -8.33 16.44
N PRO A 338 -30.04 -9.67 16.68
CA PRO A 338 -31.14 -10.20 17.49
C PRO A 338 -31.19 -9.59 18.87
N GLU A 339 -32.38 -9.44 19.42
CA GLU A 339 -32.57 -8.93 20.78
C GLU A 339 -31.59 -9.44 21.85
N ALA A 340 -31.38 -10.75 21.89
CA ALA A 340 -30.52 -11.30 22.93
C ALA A 340 -29.08 -10.76 22.79
N ASP A 341 -28.65 -10.53 21.54
CA ASP A 341 -27.31 -9.89 21.33
C ASP A 341 -27.29 -8.45 21.82
N LEU A 342 -28.36 -7.69 21.53
CA LEU A 342 -28.46 -6.30 21.91
C LEU A 342 -28.33 -6.19 23.41
N GLU A 343 -28.89 -7.17 24.12
CA GLU A 343 -28.90 -7.06 25.57
C GLU A 343 -27.56 -7.55 26.17
N ALA A 344 -26.99 -8.57 25.56
CA ALA A 344 -25.76 -9.22 26.09
C ALA A 344 -24.51 -8.34 25.86
N ALA A 345 -24.51 -7.61 24.74
CA ALA A 345 -23.29 -6.83 24.35
C ALA A 345 -23.06 -5.65 25.31
N ALA A 346 -21.83 -5.11 25.27
CA ALA A 346 -21.49 -3.89 26.03
C ALA A 346 -22.09 -2.60 25.47
N GLY A 347 -22.47 -2.63 24.18
CA GLY A 347 -23.15 -1.47 23.58
C GLY A 347 -23.60 -1.89 22.21
N ILE A 348 -24.30 -0.95 21.58
CA ILE A 348 -25.00 -1.21 20.31
C ILE A 348 -24.67 -0.04 19.40
N ASP A 349 -24.40 -0.39 18.16
CA ASP A 349 -23.94 0.51 17.09
C ASP A 349 -22.64 1.16 17.51
N GLY A 350 -22.08 2.02 16.68
CA GLY A 350 -20.76 2.58 17.14
C GLY A 350 -20.27 3.66 16.20
N VAL A 351 -19.51 4.62 16.74
CA VAL A 351 -18.85 5.69 15.97
C VAL A 351 -17.38 5.74 16.41
N LEU A 352 -16.50 5.67 15.40
CA LEU A 352 -15.06 5.90 15.59
C LEU A 352 -14.72 7.14 14.82
N GLU A 353 -14.16 8.11 15.55
CA GLU A 353 -13.78 9.40 14.90
C GLU A 353 -12.34 9.69 15.21
N ALA A 354 -11.53 9.94 14.16
CA ALA A 354 -10.06 10.19 14.38
C ALA A 354 -9.64 11.38 13.58
N THR A 355 -8.59 12.00 14.08
CA THR A 355 -7.86 13.08 13.32
C THR A 355 -6.45 12.67 13.32
N LEU A 356 -5.81 12.71 12.14
CA LEU A 356 -4.41 12.22 12.07
C LEU A 356 -3.72 12.85 10.85
N LYS A 357 -2.40 12.77 10.86
CA LYS A 357 -1.61 13.04 9.65
C LYS A 357 -0.74 11.78 9.38
N ILE A 358 -0.40 11.57 8.09
CA ILE A 358 0.59 10.53 7.75
C ILE A 358 2.00 11.15 7.70
N ASP A 359 2.91 10.67 8.52
CA ASP A 359 4.27 11.16 8.57
C ASP A 359 5.10 10.58 7.44
N HIS A 360 4.91 9.30 7.18
CA HIS A 360 5.74 8.61 6.15
C HIS A 360 4.99 7.38 5.71
N ALA A 361 5.07 7.02 4.41
CA ALA A 361 4.50 5.75 3.92
C ALA A 361 5.68 4.95 3.35
N THR A 362 5.65 3.61 3.48
CA THR A 362 6.72 2.76 2.85
C THR A 362 6.95 3.22 1.40
N THR A 363 8.22 3.24 1.03
CA THR A 363 8.61 3.64 -0.34
C THR A 363 9.30 2.50 -1.06
N THR A 364 9.50 1.37 -0.39
CA THR A 364 10.05 0.14 -0.98
C THR A 364 9.04 -1.03 -1.12
N GLY A 365 9.42 -2.07 -1.88
CA GLY A 365 8.50 -3.14 -2.11
C GLY A 365 7.88 -3.21 -3.49
N ASN A 366 6.98 -4.16 -3.70
CA ASN A 366 6.48 -4.40 -5.05
C ASN A 366 5.48 -3.31 -5.42
N ALA A 367 5.32 -3.08 -6.71
CA ALA A 367 4.40 -2.02 -7.17
C ALA A 367 3.01 -2.07 -6.60
N ASN A 368 2.52 -3.24 -6.22
CA ASN A 368 1.14 -3.38 -5.79
C ASN A 368 0.92 -3.23 -4.28
N GLU A 369 2.02 -3.12 -3.53
CA GLU A 369 1.97 -2.99 -2.05
C GLU A 369 2.54 -1.69 -1.57
N VAL A 370 3.47 -1.08 -2.30
CA VAL A 370 4.25 -0.01 -1.72
C VAL A 370 3.34 1.13 -1.32
N GLY A 371 3.60 1.65 -0.11
CA GLY A 371 2.93 2.83 0.39
C GLY A 371 1.55 2.62 1.00
N ARG A 372 1.11 1.36 1.15
CA ARG A 372 -0.24 1.05 1.59
CA ARG A 372 -0.22 0.99 1.56
C ARG A 372 -0.31 0.59 3.04
N PHE A 373 -1.31 1.09 3.77
CA PHE A 373 -1.55 0.60 5.17
C PHE A 373 -2.95 0.95 5.60
N ILE A 374 -3.35 0.41 6.73
CA ILE A 374 -4.68 0.59 7.23
C ILE A 374 -4.66 1.39 8.54
N ILE A 375 -5.57 2.35 8.60
CA ILE A 375 -5.64 3.34 9.72
C ILE A 375 -6.90 3.24 10.61
N GLY A 376 -7.92 2.47 10.21
CA GLY A 376 -9.08 2.22 11.09
C GLY A 376 -9.79 0.97 10.60
N GLN A 377 -10.44 0.23 11.48
CA GLN A 377 -11.16 -1.01 11.08
C GLN A 377 -12.33 -1.20 11.99
N ILE A 378 -13.32 -1.93 11.47
CA ILE A 378 -14.26 -2.68 12.34
C ILE A 378 -14.01 -4.16 12.02
N HIS A 379 -13.87 -4.96 13.07
CA HIS A 379 -13.79 -6.41 12.92
C HIS A 379 -14.90 -7.14 13.67
N ASP A 380 -15.40 -8.26 13.10
CA ASP A 380 -16.03 -9.27 13.96
C ASP A 380 -15.07 -10.40 14.22
N GLN A 381 -15.57 -11.57 14.72
CA GLN A 381 -14.61 -12.67 14.96
C GLN A 381 -13.76 -13.14 13.77
N ASN A 382 -14.27 -12.95 12.55
CA ASN A 382 -13.62 -13.45 11.34
C ASN A 382 -13.37 -12.44 10.25
N ASP A 383 -14.30 -11.48 10.08
CA ASP A 383 -14.28 -10.65 8.89
C ASP A 383 -14.31 -9.15 9.26
N GLU A 384 -14.25 -8.30 8.23
CA GLU A 384 -14.18 -6.86 8.48
C GLU A 384 -15.32 -6.10 7.83
N PRO A 385 -16.27 -5.59 8.63
CA PRO A 385 -17.22 -4.61 8.08
C PRO A 385 -16.49 -3.44 7.39
N ILE A 386 -15.33 -2.98 7.92
CA ILE A 386 -14.54 -1.96 7.17
C ILE A 386 -13.06 -2.09 7.48
N ARG A 387 -12.28 -1.89 6.42
CA ARG A 387 -10.87 -1.59 6.59
C ARG A 387 -10.65 -0.28 5.85
N LEU A 388 -10.17 0.72 6.58
CA LEU A 388 -9.91 2.06 6.00
C LEU A 388 -8.41 2.24 5.70
N TYR A 389 -8.07 2.50 4.43
CA TYR A 389 -6.70 2.54 4.00
C TYR A 389 -6.20 3.93 3.70
N TYR A 390 -4.92 4.17 3.95
CA TYR A 390 -4.21 5.26 3.24
C TYR A 390 -3.17 4.62 2.32
N ARG A 391 -2.97 5.19 1.13
CA ARG A 391 -1.87 4.72 0.30
C ARG A 391 -1.19 5.89 -0.45
N LYS A 392 0.11 6.04 -0.32
CA LYS A 392 0.87 7.03 -1.12
C LYS A 392 1.93 6.29 -1.92
N LEU A 393 1.91 6.48 -3.24
CA LEU A 393 3.00 5.92 -4.09
C LEU A 393 4.23 6.83 -4.07
N PRO A 394 5.42 6.23 -4.23
CA PRO A 394 6.68 7.00 -4.14
C PRO A 394 6.74 8.12 -5.17
N ASN A 395 6.08 7.96 -6.32
CA ASN A 395 6.16 8.98 -7.36
C ASN A 395 4.88 9.79 -7.54
N GLN A 396 4.04 9.85 -6.50
CA GLN A 396 2.87 10.74 -6.47
C GLN A 396 3.07 11.71 -5.32
N PRO A 397 2.64 12.97 -5.49
CA PRO A 397 2.94 13.93 -4.44
C PRO A 397 1.97 13.91 -3.27
N THR A 398 0.87 13.20 -3.44
CA THR A 398 -0.07 13.04 -2.33
C THR A 398 -0.58 11.59 -2.38
N GLY A 399 -1.35 11.21 -1.37
CA GLY A 399 -1.87 9.86 -1.24
C GLY A 399 -3.40 9.78 -1.30
N ALA A 400 -3.91 8.57 -1.31
CA ALA A 400 -5.31 8.26 -1.41
C ALA A 400 -5.84 7.71 -0.09
N VAL A 401 -7.13 7.91 0.14
CA VAL A 401 -7.82 7.23 1.26
C VAL A 401 -9.06 6.57 0.69
N TYR A 402 -9.26 5.27 1.02
CA TYR A 402 -10.39 4.53 0.50
C TYR A 402 -10.67 3.40 1.47
N PHE A 403 -11.76 2.63 1.26
CA PHE A 403 -12.02 1.53 2.17
C PHE A 403 -12.56 0.29 1.53
N ALA A 404 -12.49 -0.78 2.28
CA ALA A 404 -13.13 -2.02 1.84
C ALA A 404 -14.22 -2.43 2.78
N HIS A 405 -15.30 -3.01 2.24
CA HIS A 405 -16.33 -3.63 3.07
C HIS A 405 -16.41 -5.11 2.70
N GLU A 406 -16.12 -6.02 3.63
CA GLU A 406 -16.32 -7.47 3.40
C GLU A 406 -17.77 -7.79 3.74
N SER A 407 -18.37 -8.73 2.99
CA SER A 407 -19.73 -9.12 3.33
C SER A 407 -19.96 -10.62 3.08
N GLN A 408 -21.03 -11.12 3.69
CA GLN A 408 -21.55 -12.51 3.53
C GLN A 408 -20.46 -13.50 3.85
N ASP A 409 -20.08 -13.50 5.14
CA ASP A 409 -18.88 -14.20 5.59
C ASP A 409 -17.66 -14.10 4.68
N ALA A 410 -17.34 -12.86 4.27
CA ALA A 410 -16.16 -12.50 3.48
C ALA A 410 -16.11 -13.22 2.11
N THR A 411 -17.24 -13.64 1.59
CA THR A 411 -17.22 -14.18 0.23
C THR A 411 -17.35 -13.04 -0.78
N LYS A 412 -17.69 -11.85 -0.28
CA LYS A 412 -17.78 -10.65 -1.12
C LYS A 412 -16.95 -9.53 -0.49
N GLU A 413 -16.28 -8.73 -1.31
CA GLU A 413 -15.53 -7.60 -0.81
C GLU A 413 -15.66 -6.47 -1.81
N ASP A 414 -16.05 -5.28 -1.32
CA ASP A 414 -16.25 -4.14 -2.19
C ASP A 414 -15.37 -2.97 -1.75
N PHE A 415 -14.68 -2.32 -2.71
CA PHE A 415 -13.83 -1.14 -2.41
C PHE A 415 -14.58 0.15 -2.73
N TYR A 416 -14.47 1.14 -1.83
CA TYR A 416 -15.16 2.41 -2.03
C TYR A 416 -14.13 3.52 -1.95
N PRO A 417 -14.10 4.40 -2.96
CA PRO A 417 -13.18 5.52 -2.93
C PRO A 417 -13.62 6.59 -1.92
N LEU A 418 -12.67 7.30 -1.33
CA LEU A 418 -12.96 8.55 -0.58
C LEU A 418 -12.24 9.69 -1.25
N VAL A 419 -10.89 9.63 -1.19
CA VAL A 419 -10.04 10.61 -1.89
C VAL A 419 -9.16 9.67 -2.74
N GLY A 420 -9.60 9.40 -3.96
CA GLY A 420 -8.92 8.39 -4.75
C GLY A 420 -9.27 6.98 -4.37
N ASP A 421 -8.49 6.03 -4.90
CA ASP A 421 -8.75 4.59 -4.77
C ASP A 421 -7.49 3.79 -4.55
N MET A 422 -7.62 2.45 -4.60
CA MET A 422 -6.49 1.60 -4.29
C MET A 422 -5.29 1.77 -5.23
N THR A 423 -5.52 2.31 -6.42
CA THR A 423 -4.36 2.59 -7.28
C THR A 423 -3.54 3.76 -6.85
N ALA A 424 -4.16 4.66 -6.04
CA ALA A 424 -3.46 5.81 -5.47
C ALA A 424 -2.82 6.77 -6.50
N GLU A 425 -3.38 6.79 -7.72
CA GLU A 425 -2.89 7.76 -8.70
C GLU A 425 -3.64 9.07 -8.58
N VAL A 426 -3.38 9.77 -7.48
CA VAL A 426 -4.13 10.97 -7.15
C VAL A 426 -3.45 12.28 -7.56
N GLY A 427 -2.19 12.24 -8.04
CA GLY A 427 -1.51 13.47 -8.41
C GLY A 427 -1.45 14.40 -7.21
N GLU A 428 -1.85 15.65 -7.42
CA GLU A 428 -1.76 16.70 -6.37
C GLU A 428 -3.07 16.79 -5.60
N ASP A 429 -4.01 15.92 -5.95
CA ASP A 429 -5.39 16.04 -5.50
C ASP A 429 -5.74 15.21 -4.28
N GLY A 430 -4.76 14.49 -3.76
CA GLY A 430 -4.99 13.65 -2.58
C GLY A 430 -4.57 14.34 -1.31
N ILE A 431 -4.20 13.50 -0.34
CA ILE A 431 -3.81 13.97 0.99
C ILE A 431 -2.31 13.82 1.11
N ALA A 432 -1.61 14.95 1.35
CA ALA A 432 -0.17 14.96 1.46
C ALA A 432 0.36 14.39 2.75
N LEU A 433 1.62 13.95 2.74
CA LEU A 433 2.32 13.67 4.01
C LEU A 433 2.29 14.92 4.84
N GLY A 434 1.99 14.77 6.13
CA GLY A 434 1.88 15.94 7.05
C GLY A 434 0.56 16.69 7.08
N GLU A 435 -0.31 16.38 6.15
CA GLU A 435 -1.62 17.01 6.09
C GLU A 435 -2.57 16.36 7.13
N VAL A 436 -3.16 17.17 8.00
CA VAL A 436 -4.05 16.63 9.00
C VAL A 436 -5.42 16.45 8.34
N PHE A 437 -6.06 15.29 8.56
CA PHE A 437 -7.39 15.03 8.05
C PHE A 437 -8.13 14.20 9.11
N SER A 438 -9.41 14.07 8.95
CA SER A 438 -10.21 13.33 9.92
C SER A 438 -11.05 12.28 9.24
N TYR A 439 -11.43 11.24 9.99
CA TYR A 439 -12.39 10.26 9.45
C TYR A 439 -13.44 9.94 10.48
N ARG A 440 -14.60 9.54 10.01
CA ARG A 440 -15.65 9.07 10.94
C ARG A 440 -16.25 7.86 10.33
N ILE A 441 -16.38 6.80 11.15
CA ILE A 441 -17.02 5.55 10.72
C ILE A 441 -18.20 5.35 11.66
N ASP A 442 -19.42 5.37 11.12
CA ASP A 442 -20.58 5.45 11.94
C ASP A 442 -21.53 4.35 11.51
N VAL A 443 -21.69 3.38 12.40
CA VAL A 443 -22.59 2.28 12.13
C VAL A 443 -23.91 2.52 12.89
N LYS A 444 -25.02 2.52 12.15
CA LYS A 444 -26.34 2.53 12.77
C LYS A 444 -27.17 1.38 12.16
N GLY A 445 -27.32 0.29 12.91
CA GLY A 445 -28.01 -0.86 12.33
C GLY A 445 -27.26 -1.44 11.15
N ASN A 446 -27.95 -1.63 10.01
CA ASN A 446 -27.33 -2.14 8.79
C ASN A 446 -26.92 -1.02 7.82
N THR A 447 -26.69 0.17 8.37
CA THR A 447 -26.16 1.28 7.56
C THR A 447 -24.82 1.72 8.15
N MET A 448 -23.83 1.83 7.30
CA MET A 448 -22.53 2.37 7.75
C MET A 448 -22.20 3.62 6.93
N THR A 449 -21.98 4.73 7.62
CA THR A 449 -21.65 5.99 6.92
C THR A 449 -20.19 6.29 7.20
N VAL A 450 -19.40 6.49 6.16
CA VAL A 450 -17.96 6.77 6.33
C VAL A 450 -17.73 8.19 5.81
N THR A 451 -17.17 9.05 6.62
CA THR A 451 -16.98 10.46 6.22
C THR A 451 -15.52 10.78 6.28
N LEU A 452 -14.99 11.44 5.26
CA LEU A 452 -13.59 11.85 5.28
C LEU A 452 -13.57 13.38 5.24
N MET A 453 -12.99 13.99 6.26
CA MET A 453 -13.09 15.43 6.47
C MET A 453 -11.71 16.04 6.29
N ARG A 454 -11.65 17.16 5.56
CA ARG A 454 -10.35 17.83 5.33
C ARG A 454 -10.56 19.33 5.52
N GLU A 455 -9.52 19.99 6.02
CA GLU A 455 -9.59 21.43 6.24
C GLU A 455 -9.77 22.16 4.90
N GLY A 456 -10.75 23.03 4.88
CA GLY A 456 -11.06 23.87 3.71
C GLY A 456 -11.71 23.15 2.56
N LYS A 457 -12.17 21.93 2.77
CA LYS A 457 -12.80 21.17 1.67
C LYS A 457 -14.12 20.57 2.14
N ASP A 458 -15.03 20.30 1.20
CA ASP A 458 -16.24 19.60 1.58
C ASP A 458 -15.96 18.16 2.12
N ASP A 459 -16.77 17.73 3.09
CA ASP A 459 -16.76 16.30 3.48
C ASP A 459 -16.96 15.40 2.25
N VAL A 460 -16.27 14.25 2.27
CA VAL A 460 -16.61 13.16 1.37
C VAL A 460 -17.32 12.10 2.20
N VAL A 461 -18.48 11.69 1.72
CA VAL A 461 -19.34 10.75 2.45
C VAL A 461 -19.68 9.53 1.59
N GLN A 462 -19.47 8.33 2.12
CA GLN A 462 -19.94 7.10 1.47
C GLN A 462 -20.89 6.40 2.43
N VAL A 463 -22.05 6.07 1.93
CA VAL A 463 -23.04 5.29 2.66
C VAL A 463 -23.00 3.85 2.18
N VAL A 464 -22.76 2.92 3.11
CA VAL A 464 -22.72 1.50 2.75
C VAL A 464 -23.98 0.82 3.28
N ASP A 465 -24.77 0.23 2.36
CA ASP A 465 -25.96 -0.49 2.77
C ASP A 465 -25.51 -1.91 3.14
N MET A 466 -25.62 -2.27 4.42
CA MET A 466 -25.15 -3.58 4.85
C MET A 466 -26.32 -4.53 5.04
N SER A 467 -27.49 -4.19 4.47
CA SER A 467 -28.70 -5.05 4.48
C SER A 467 -28.48 -6.53 4.25
N ASN A 468 -27.66 -6.85 3.27
CA ASN A 468 -27.50 -8.22 2.97
C ASN A 468 -26.09 -8.64 3.24
N SER A 469 -25.52 -7.98 4.26
CA SER A 469 -24.12 -8.27 4.56
C SER A 469 -23.91 -9.36 5.58
N GLY A 470 -24.93 -9.67 6.36
CA GLY A 470 -24.85 -10.82 7.22
C GLY A 470 -24.21 -10.56 8.58
N TYR A 471 -24.03 -9.29 8.96
CA TYR A 471 -23.46 -8.96 10.29
C TYR A 471 -24.50 -8.93 11.39
N ASP A 472 -25.81 -9.02 11.02
CA ASP A 472 -26.96 -8.98 11.96
C ASP A 472 -27.59 -10.38 12.24
N VAL A 473 -26.93 -11.44 11.77
CA VAL A 473 -27.53 -12.79 11.82
C VAL A 473 -27.66 -13.28 13.24
N GLY A 474 -26.72 -12.86 14.10
CA GLY A 474 -26.72 -13.29 15.50
C GLY A 474 -25.38 -13.96 15.81
N GLY A 475 -24.80 -13.61 16.96
CA GLY A 475 -23.55 -14.26 17.35
C GLY A 475 -22.28 -13.53 16.98
N LYS A 476 -22.42 -12.49 16.14
CA LYS A 476 -21.23 -11.73 15.71
C LYS A 476 -21.00 -10.60 16.72
N TYR A 477 -19.75 -10.47 17.17
CA TYR A 477 -19.35 -9.38 18.03
C TYR A 477 -18.35 -8.49 17.30
N MET A 478 -18.38 -7.21 17.67
CA MET A 478 -17.61 -6.21 16.95
C MET A 478 -16.66 -5.45 17.84
N TYR A 479 -15.58 -5.02 17.23
CA TYR A 479 -14.70 -4.09 17.90
C TYR A 479 -14.05 -3.19 16.83
N PHE A 480 -13.80 -1.96 17.24
CA PHE A 480 -13.02 -1.04 16.41
C PHE A 480 -11.50 -1.29 16.54
N LYS A 481 -10.75 -0.87 15.53
CA LYS A 481 -9.28 -0.89 15.56
C LYS A 481 -8.78 0.44 15.00
N ALA A 482 -7.64 0.93 15.50
CA ALA A 482 -7.07 2.17 14.88
C ALA A 482 -5.59 2.17 15.18
N GLY A 483 -4.83 2.84 14.32
CA GLY A 483 -3.40 2.80 14.45
C GLY A 483 -2.80 2.66 13.05
N VAL A 484 -1.72 1.89 12.91
CA VAL A 484 -1.16 1.62 11.54
C VAL A 484 -0.98 0.13 11.42
N TYR A 485 -1.75 -0.49 10.51
CA TYR A 485 -1.63 -1.90 10.21
C TYR A 485 -1.01 -1.89 8.82
N ASN A 486 0.22 -2.39 8.75
CA ASN A 486 0.94 -2.36 7.45
C ASN A 486 0.20 -3.26 6.44
N GLN A 487 0.31 -2.88 5.15
CA GLN A 487 -0.20 -3.73 4.07
C GLN A 487 0.93 -3.91 3.09
N ASN A 488 2.14 -3.84 3.57
CA ASN A 488 3.34 -4.04 2.73
C ASN A 488 4.19 -5.09 3.43
N ILE A 489 4.38 -6.22 2.72
CA ILE A 489 5.32 -7.24 3.22
C ILE A 489 6.60 -7.33 2.39
N SER A 490 6.50 -6.91 1.14
CA SER A 490 7.64 -7.02 0.19
C SER A 490 8.71 -5.96 0.34
N GLY A 491 8.39 -4.86 1.06
CA GLY A 491 9.32 -3.78 1.27
C GLY A 491 10.48 -4.21 2.13
N ASP A 492 11.49 -3.33 2.21
CA ASP A 492 12.66 -3.54 3.03
C ASP A 492 12.22 -3.65 4.51
N LEU A 493 12.86 -4.53 5.26
CA LEU A 493 12.42 -4.89 6.62
C LEU A 493 12.32 -3.66 7.52
N ASP A 494 13.28 -2.75 7.37
CA ASP A 494 13.27 -1.48 8.16
C ASP A 494 12.47 -0.33 7.59
N ASP A 495 11.89 -0.53 6.41
CA ASP A 495 11.02 0.49 5.87
C ASP A 495 9.77 0.50 6.75
N TYR A 496 9.02 1.59 6.69
CA TYR A 496 7.90 1.72 7.65
C TYR A 496 6.89 2.74 7.15
N SER A 497 5.71 2.71 7.78
CA SER A 497 4.70 3.75 7.64
C SER A 497 4.42 4.25 9.05
N GLN A 498 4.13 5.53 9.13
CA GLN A 498 3.98 6.16 10.44
C GLN A 498 2.87 7.18 10.33
N ALA A 499 2.00 7.21 11.35
CA ALA A 499 0.96 8.22 11.42
C ALA A 499 0.93 8.80 12.84
N THR A 500 0.47 10.06 12.90
CA THR A 500 0.34 10.76 14.16
C THR A 500 -1.13 11.20 14.32
N PHE A 501 -1.76 10.76 15.42
CA PHE A 501 -3.20 10.99 15.70
C PHE A 501 -3.32 12.14 16.69
N TYR A 502 -4.35 12.94 16.44
CA TYR A 502 -4.72 14.09 17.31
C TYR A 502 -6.08 13.91 17.94
N GLN A 503 -6.86 12.97 17.43
CA GLN A 503 -8.19 12.62 18.01
C GLN A 503 -8.42 11.14 17.87
N LEU A 504 -8.92 10.46 18.88
CA LEU A 504 -9.36 9.06 18.76
C LEU A 504 -10.56 8.94 19.71
N ASP A 505 -11.77 9.13 19.15
CA ASP A 505 -13.01 9.17 19.97
C ASP A 505 -13.88 7.99 19.59
N VAL A 506 -14.32 7.22 20.58
CA VAL A 506 -15.21 6.07 20.34
C VAL A 506 -16.52 6.32 21.10
N SER A 507 -17.60 6.00 20.44
CA SER A 507 -18.94 6.09 21.05
C SER A 507 -19.82 4.89 20.72
N HIS A 508 -20.74 4.57 21.63
CA HIS A 508 -21.70 3.48 21.34
C HIS A 508 -23.04 3.90 21.98
N ASP A 509 -24.12 3.31 21.48
CA ASP A 509 -25.41 3.46 22.15
C ASP A 509 -25.68 2.35 23.15
N GLN A 510 -26.72 2.57 23.97
CA GLN A 510 -27.10 1.59 25.00
C GLN A 510 -28.39 0.91 24.65
N TYR A 511 -28.47 -0.35 25.01
CA TYR A 511 -29.70 -1.13 24.93
C TYR A 511 -30.77 -0.57 25.87
N LYS A 512 -32.00 -0.49 25.37
CA LYS A 512 -33.12 -0.13 26.27
C LYS A 512 -34.16 -1.24 26.38
C1 GOL B . 5.43 3.86 -8.14
O1 GOL B . 5.54 2.71 -7.31
C2 GOL B . 5.70 3.42 -9.59
O2 GOL B . 7.04 2.95 -9.63
C3 GOL B . 4.77 2.32 -10.07
O3 GOL B . 5.27 1.99 -11.42
NA NA C . 12.47 -1.46 -15.97
#